data_5DRQ
#
_entry.id   5DRQ
#
_cell.length_a   52.433
_cell.length_b   74.001
_cell.length_c   88.629
_cell.angle_alpha   90.000
_cell.angle_beta   90.000
_cell.angle_gamma   90.000
#
_symmetry.space_group_name_H-M   'P 21 21 21'
#
loop_
_entity.id
_entity.type
_entity.pdbx_description
1 polymer 'UDP-3-O-[3-hydroxymyristoyl] N-acetylglucosamine deacetylase'
2 non-polymer 'ZINC ION'
3 non-polymer N-[(2S)-3-amino-1-(hydroxyamino)-3-methyl-1-oxobutan-2-yl]-4-[4-(4-aminophenyl)buta-1,3-diyn-1-yl]benzamide
4 non-polymer 'NITRATE ION'
5 water water
#
_entity_poly.entity_id   1
_entity_poly.type   'polypeptide(L)'
_entity_poly.pdbx_seq_one_letter_code
;MIKQRTLKNIIRATGVGLHSGEKVYLTLKPAPVDTGIVFSRTDLDPVVEIPARAENVGETTMSTTLVKGDVKVDTVEHLL
SAMAGLGIDNAYVELSASEVPIMDGSAGPFVFLIQSAGLQEQEAAKKFIRIKREVSVEEGDKRAVFVPFDGFKVSFEIDF
DHPVFRGRTQQASVDFSSTSFVKEVSRARTFGFMRDIEYLRSQNLALGGSVENAIVVDENRVLNEDGLRYEDEFVKHKIL
DAIGDLYLLGNSLIGEFRGFKSGHALNNQLLRTLIADKDAWEVVTFEDARTAPISYMRP
;
_entity_poly.pdbx_strand_id   A
#
loop_
_chem_comp.id
_chem_comp.type
_chem_comp.name
_chem_comp.formula
5EM non-polymer N-[(2S)-3-amino-1-(hydroxyamino)-3-methyl-1-oxobutan-2-yl]-4-[4-(4-aminophenyl)buta-1,3-diyn-1-yl]benzamide 'C22 H22 N4 O3'
NO3 non-polymer 'NITRATE ION' 'N O3 -1'
ZN non-polymer 'ZINC ION' 'Zn 2'
#
# COMPACT_ATOMS: atom_id res chain seq x y z
N MET A 1 -24.24 -11.62 6.11
CA MET A 1 -23.26 -10.67 6.61
C MET A 1 -22.05 -10.57 5.69
N ILE A 2 -21.33 -9.44 5.77
CA ILE A 2 -20.08 -9.33 5.05
C ILE A 2 -19.03 -10.08 5.84
N LYS A 3 -18.42 -11.09 5.22
CA LYS A 3 -17.52 -12.02 5.88
C LYS A 3 -16.05 -11.66 5.69
N GLN A 4 -15.20 -12.11 6.62
CA GLN A 4 -13.76 -11.98 6.42
C GLN A 4 -13.32 -12.81 5.24
N ARG A 5 -12.18 -12.44 4.67
CA ARG A 5 -11.67 -13.12 3.48
C ARG A 5 -10.21 -13.52 3.66
N THR A 6 -9.86 -14.69 3.14
CA THR A 6 -8.46 -15.09 3.08
C THR A 6 -8.21 -15.68 1.69
N LEU A 7 -7.03 -16.25 1.48
CA LEU A 7 -6.71 -16.86 0.22
C LEU A 7 -7.21 -18.31 0.20
N LYS A 8 -7.55 -18.80 -0.99
CA LYS A 8 -7.98 -20.20 -1.15
C LYS A 8 -6.80 -21.16 -1.16
N ASN A 9 -5.63 -20.67 -1.59
CA ASN A 9 -4.48 -21.51 -1.87
C ASN A 9 -3.22 -20.73 -1.60
N ILE A 10 -2.14 -21.47 -1.39
CA ILE A 10 -0.82 -20.89 -1.29
C ILE A 10 -0.36 -20.49 -2.70
N ILE A 11 0.32 -19.36 -2.85
CA ILE A 11 0.80 -18.96 -4.16
C ILE A 11 2.16 -18.28 -4.00
N ARG A 12 3.02 -18.41 -5.01
CA ARG A 12 4.39 -17.90 -4.92
C ARG A 12 4.83 -17.01 -6.09
N ALA A 13 5.86 -16.21 -5.84
CA ALA A 13 6.46 -15.43 -6.89
C ALA A 13 7.88 -15.12 -6.48
N THR A 14 8.69 -14.69 -7.44
CA THR A 14 10.05 -14.29 -7.13
C THR A 14 10.31 -12.93 -7.73
N GLY A 15 11.24 -12.20 -7.15
CA GLY A 15 11.63 -10.93 -7.72
C GLY A 15 12.85 -10.38 -7.03
N VAL A 16 13.14 -9.11 -7.26
CA VAL A 16 14.28 -8.48 -6.59
C VAL A 16 13.82 -7.30 -5.74
N GLY A 17 14.52 -7.04 -4.65
CA GLY A 17 14.23 -5.88 -3.82
C GLY A 17 14.69 -4.64 -4.58
N LEU A 18 13.82 -3.63 -4.63
CA LEU A 18 14.21 -2.35 -5.25
C LEU A 18 15.42 -1.73 -4.57
N HIS A 19 15.38 -1.69 -3.23
CA HIS A 19 16.43 -1.03 -2.48
C HIS A 19 17.68 -1.90 -2.43
N SER A 20 17.50 -3.17 -2.10
CA SER A 20 18.64 -4.04 -1.85
C SER A 20 19.22 -4.69 -3.11
N GLY A 21 18.40 -4.83 -4.14
CA GLY A 21 18.84 -5.50 -5.35
C GLY A 21 18.88 -7.00 -5.18
N GLU A 22 18.42 -7.47 -4.02
CA GLU A 22 18.54 -8.88 -3.65
C GLU A 22 17.37 -9.72 -4.18
N LYS A 23 17.66 -10.83 -4.87
CA LYS A 23 16.58 -11.77 -5.24
C LYS A 23 15.84 -12.29 -4.01
N VAL A 24 14.50 -12.32 -4.08
CA VAL A 24 13.72 -12.73 -2.94
C VAL A 24 12.58 -13.63 -3.39
N TYR A 25 12.31 -14.64 -2.57
CA TYR A 25 11.16 -15.53 -2.76
C TYR A 25 10.02 -15.04 -1.89
N LEU A 26 8.85 -14.89 -2.53
CA LEU A 26 7.63 -14.43 -1.86
C LEU A 26 6.59 -15.55 -1.85
N THR A 27 5.94 -15.77 -0.71
CA THR A 27 4.87 -16.78 -0.62
C THR A 27 3.68 -16.16 0.06
N LEU A 28 2.49 -16.30 -0.51
CA LEU A 28 1.27 -15.83 0.16
C LEU A 28 0.48 -17.05 0.60
N LYS A 29 0.05 -17.08 1.87
N LYS A 29 0.06 -17.07 1.86
CA LYS A 29 -0.66 -18.25 2.40
CA LYS A 29 -0.66 -18.21 2.44
C LYS A 29 -1.95 -17.87 3.11
C LYS A 29 -2.00 -17.82 3.04
N PRO A 30 -2.95 -18.77 3.06
CA PRO A 30 -4.19 -18.56 3.83
C PRO A 30 -3.89 -18.43 5.32
N ALA A 31 -4.78 -17.78 6.05
CA ALA A 31 -4.62 -17.62 7.49
C ALA A 31 -6.00 -17.59 8.13
N PRO A 32 -6.11 -18.04 9.40
CA PRO A 32 -7.40 -18.13 10.08
C PRO A 32 -8.01 -16.75 10.34
N VAL A 33 -9.28 -16.77 10.69
CA VAL A 33 -9.99 -15.56 11.07
C VAL A 33 -9.25 -14.75 12.13
N ASP A 34 -9.30 -13.44 11.98
CA ASP A 34 -8.74 -12.47 12.93
C ASP A 34 -7.21 -12.50 13.03
N THR A 35 -6.54 -13.10 12.04
CA THR A 35 -5.08 -13.08 11.97
C THR A 35 -4.55 -11.73 11.53
N GLY A 36 -5.28 -11.12 10.59
CA GLY A 36 -4.74 -9.98 9.85
C GLY A 36 -3.67 -10.45 8.90
N ILE A 37 -2.83 -9.53 8.44
CA ILE A 37 -1.71 -9.85 7.57
C ILE A 37 -0.46 -9.97 8.43
N VAL A 38 0.26 -11.08 8.31
CA VAL A 38 1.48 -11.25 9.09
C VAL A 38 2.63 -11.59 8.15
N PHE A 39 3.71 -10.82 8.22
CA PHE A 39 4.90 -11.13 7.45
C PHE A 39 5.83 -12.08 8.20
N SER A 40 6.50 -12.98 7.49
CA SER A 40 7.42 -13.92 8.13
C SER A 40 8.72 -13.94 7.38
N ARG A 41 9.83 -13.78 8.09
CA ARG A 41 11.18 -13.92 7.49
C ARG A 41 11.60 -15.35 7.67
N THR A 42 11.39 -16.15 6.63
CA THR A 42 11.63 -17.59 6.72
C THR A 42 13.09 -17.94 6.51
N ASP A 43 13.90 -16.95 6.16
CA ASP A 43 15.33 -17.19 6.00
C ASP A 43 16.07 -17.21 7.33
N LEU A 44 15.44 -16.65 8.35
CA LEU A 44 16.04 -16.51 9.66
C LEU A 44 15.82 -17.73 10.54
N ASP A 45 16.66 -17.88 11.55
CA ASP A 45 16.64 -19.01 12.47
C ASP A 45 16.77 -18.51 13.92
N PRO A 46 15.64 -18.47 14.66
CA PRO A 46 14.32 -18.91 14.23
C PRO A 46 13.65 -17.93 13.26
N VAL A 47 12.55 -18.38 12.65
CA VAL A 47 11.77 -17.54 11.78
C VAL A 47 11.15 -16.43 12.61
N VAL A 48 11.11 -15.23 12.05
CA VAL A 48 10.61 -14.09 12.78
C VAL A 48 9.33 -13.59 12.11
N GLU A 49 8.28 -13.42 12.92
CA GLU A 49 6.98 -12.93 12.43
C GLU A 49 6.78 -11.48 12.82
N ILE A 50 6.27 -10.69 11.88
CA ILE A 50 5.95 -9.28 12.13
C ILE A 50 4.54 -8.98 11.63
N PRO A 51 3.59 -8.79 12.56
CA PRO A 51 2.23 -8.41 12.15
C PRO A 51 2.24 -7.08 11.41
N ALA A 52 1.42 -6.98 10.39
CA ALA A 52 1.37 -5.75 9.61
C ALA A 52 0.44 -4.78 10.32
N ARG A 53 0.99 -4.09 11.32
CA ARG A 53 0.24 -3.15 12.12
C ARG A 53 0.99 -1.81 12.14
N ALA A 54 0.23 -0.73 12.27
CA ALA A 54 0.78 0.61 12.20
C ALA A 54 1.88 0.82 13.23
N GLU A 55 1.72 0.22 14.41
CA GLU A 55 2.68 0.40 15.51
C GLU A 55 4.00 -0.35 15.26
N ASN A 56 4.05 -1.20 14.24
CA ASN A 56 5.28 -1.91 13.93
C ASN A 56 6.08 -1.27 12.81
N VAL A 57 5.65 -0.09 12.38
CA VAL A 57 6.36 0.59 11.30
C VAL A 57 7.61 1.29 11.82
N GLY A 58 8.72 1.07 11.12
CA GLY A 58 9.97 1.72 11.43
C GLY A 58 10.22 2.93 10.56
N GLU A 59 11.34 2.95 9.87
CA GLU A 59 11.69 4.07 9.00
C GLU A 59 10.78 4.12 7.77
N THR A 60 10.45 5.36 7.37
CA THR A 60 9.45 5.58 6.32
C THR A 60 9.90 6.57 5.25
N THR A 61 11.16 7.00 5.28
CA THR A 61 11.60 8.04 4.35
C THR A 61 11.54 7.57 2.90
N MET A 62 11.87 6.30 2.67
CA MET A 62 11.90 5.76 1.32
C MET A 62 10.63 4.95 1.04
N SER A 63 10.49 3.83 1.74
N SER A 63 10.50 3.83 1.75
CA SER A 63 9.27 3.03 1.68
CA SER A 63 9.30 3.00 1.70
C SER A 63 8.82 2.72 3.09
C SER A 63 8.87 2.64 3.10
N THR A 64 7.70 2.02 3.23
CA THR A 64 7.24 1.61 4.54
C THR A 64 7.89 0.31 4.97
N THR A 65 8.55 0.36 6.11
CA THR A 65 9.27 -0.78 6.66
C THR A 65 8.61 -1.23 7.94
N LEU A 66 8.40 -2.54 8.07
CA LEU A 66 7.99 -3.14 9.34
C LEU A 66 9.22 -3.62 10.08
N VAL A 67 9.23 -3.43 11.39
N VAL A 67 9.23 -3.43 11.40
CA VAL A 67 10.39 -3.83 12.15
CA VAL A 67 10.42 -3.72 12.21
C VAL A 67 9.97 -4.58 13.40
C VAL A 67 10.09 -4.43 13.53
N LYS A 68 10.82 -5.51 13.83
CA LYS A 68 10.72 -6.15 15.12
C LYS A 68 12.15 -6.34 15.61
N GLY A 69 12.54 -5.56 16.61
CA GLY A 69 13.91 -5.57 17.07
C GLY A 69 14.85 -5.22 15.92
N ASP A 70 15.80 -6.10 15.63
CA ASP A 70 16.78 -5.83 14.57
C ASP A 70 16.33 -6.36 13.21
N VAL A 71 15.14 -6.96 13.14
CA VAL A 71 14.67 -7.60 11.91
C VAL A 71 13.68 -6.74 11.17
N LYS A 72 13.88 -6.57 9.86
CA LYS A 72 12.98 -5.71 9.10
C LYS A 72 12.36 -6.39 7.88
N VAL A 73 11.23 -5.86 7.46
CA VAL A 73 10.69 -6.16 6.14
C VAL A 73 10.42 -4.81 5.46
N ASP A 74 11.21 -4.54 4.42
N ASP A 74 11.14 -4.59 4.38
CA ASP A 74 11.10 -3.29 3.67
CA ASP A 74 11.08 -3.31 3.68
C ASP A 74 10.03 -3.35 2.59
C ASP A 74 10.13 -3.32 2.50
N THR A 75 9.52 -2.17 2.24
CA THR A 75 8.68 -1.97 1.03
C THR A 75 7.43 -2.85 1.02
N VAL A 76 6.61 -2.68 2.06
CA VAL A 76 5.39 -3.47 2.15
C VAL A 76 4.18 -2.86 1.46
N GLU A 77 4.28 -1.60 1.04
CA GLU A 77 3.07 -0.86 0.70
C GLU A 77 2.39 -1.30 -0.61
N HIS A 78 3.13 -1.75 -1.63
CA HIS A 78 2.43 -2.13 -2.87
C HIS A 78 1.69 -3.46 -2.71
N LEU A 79 2.31 -4.43 -2.04
CA LEU A 79 1.62 -5.67 -1.73
C LEU A 79 0.41 -5.42 -0.81
N LEU A 80 0.57 -4.60 0.23
CA LEU A 80 -0.56 -4.33 1.09
C LEU A 80 -1.69 -3.60 0.36
N SER A 81 -1.36 -2.77 -0.63
CA SER A 81 -2.38 -2.06 -1.38
CA SER A 81 -2.40 -2.07 -1.37
C SER A 81 -3.26 -3.08 -2.13
N ALA A 82 -2.63 -4.11 -2.71
CA ALA A 82 -3.37 -5.18 -3.39
C ALA A 82 -4.27 -5.96 -2.42
N MET A 83 -3.73 -6.30 -1.25
N MET A 83 -3.76 -6.27 -1.24
CA MET A 83 -4.51 -6.95 -0.21
CA MET A 83 -4.59 -6.99 -0.28
C MET A 83 -5.75 -6.12 0.14
C MET A 83 -5.76 -6.13 0.19
N ALA A 84 -5.51 -4.84 0.35
CA ALA A 84 -6.58 -3.92 0.71
C ALA A 84 -7.62 -3.83 -0.39
N GLY A 85 -7.14 -3.67 -1.63
CA GLY A 85 -8.04 -3.51 -2.77
C GLY A 85 -8.90 -4.71 -3.06
N LEU A 86 -8.39 -5.90 -2.77
CA LEU A 86 -9.15 -7.12 -2.98
C LEU A 86 -9.85 -7.62 -1.72
N GLY A 87 -9.71 -6.90 -0.64
CA GLY A 87 -10.44 -7.22 0.58
C GLY A 87 -9.92 -8.44 1.31
N ILE A 88 -8.61 -8.66 1.24
CA ILE A 88 -8.02 -9.76 2.00
C ILE A 88 -7.77 -9.36 3.46
N ASP A 89 -8.51 -9.98 4.38
CA ASP A 89 -8.35 -9.73 5.82
C ASP A 89 -7.19 -10.49 6.41
N ASN A 90 -7.06 -11.77 6.07
CA ASN A 90 -6.15 -12.66 6.76
C ASN A 90 -5.22 -13.35 5.78
N ALA A 91 -3.90 -13.26 6.02
CA ALA A 91 -2.92 -13.94 5.16
C ALA A 91 -1.57 -13.94 5.83
N TYR A 92 -0.78 -14.99 5.55
CA TYR A 92 0.63 -14.97 5.89
C TYR A 92 1.43 -14.61 4.66
N VAL A 93 2.44 -13.78 4.84
CA VAL A 93 3.34 -13.42 3.77
C VAL A 93 4.72 -13.90 4.14
N GLU A 94 5.24 -14.86 3.40
CA GLU A 94 6.59 -15.37 3.72
C GLU A 94 7.60 -14.76 2.75
N LEU A 95 8.74 -14.33 3.31
CA LEU A 95 9.85 -13.74 2.53
C LEU A 95 11.18 -14.37 2.88
N SER A 96 12.00 -14.57 1.85
CA SER A 96 13.35 -15.11 2.01
C SER A 96 14.40 -14.02 2.26
N ALA A 97 13.95 -12.78 2.35
CA ALA A 97 14.86 -11.63 2.53
C ALA A 97 14.12 -10.45 3.11
N SER A 98 14.87 -9.40 3.45
CA SER A 98 14.31 -8.25 4.15
C SER A 98 13.51 -7.23 3.31
N GLU A 99 13.12 -7.59 2.09
CA GLU A 99 12.37 -6.64 1.27
C GLU A 99 11.42 -7.38 0.35
N VAL A 100 10.17 -6.93 0.29
CA VAL A 100 9.21 -7.44 -0.69
C VAL A 100 9.73 -7.14 -2.09
N PRO A 101 9.66 -8.11 -3.02
CA PRO A 101 10.13 -7.80 -4.39
C PRO A 101 9.36 -6.66 -5.04
N ILE A 102 10.05 -5.84 -5.84
CA ILE A 102 9.41 -4.67 -6.43
C ILE A 102 8.53 -5.06 -7.63
N MET A 103 8.81 -6.21 -8.23
CA MET A 103 8.06 -6.69 -9.39
C MET A 103 8.07 -5.61 -10.48
N ASP A 104 6.91 -5.12 -10.93
CA ASP A 104 6.93 -4.10 -12.00
C ASP A 104 6.76 -2.68 -11.45
N GLY A 105 6.87 -2.54 -10.14
CA GLY A 105 6.76 -1.24 -9.51
C GLY A 105 5.35 -0.85 -9.12
N SER A 106 4.38 -1.70 -9.46
CA SER A 106 2.96 -1.41 -9.17
C SER A 106 2.37 -2.48 -8.26
N ALA A 107 1.05 -2.45 -8.09
CA ALA A 107 0.39 -3.50 -7.34
C ALA A 107 -0.17 -4.58 -8.24
N GLY A 108 -0.05 -4.39 -9.56
CA GLY A 108 -0.61 -5.33 -10.52
C GLY A 108 -0.19 -6.77 -10.33
N PRO A 109 1.11 -7.01 -10.16
CA PRO A 109 1.58 -8.39 -9.98
C PRO A 109 0.99 -9.06 -8.75
N PHE A 110 0.74 -8.28 -7.71
CA PHE A 110 0.18 -8.85 -6.48
C PHE A 110 -1.32 -9.10 -6.63
N VAL A 111 -2.02 -8.23 -7.35
CA VAL A 111 -3.40 -8.54 -7.72
C VAL A 111 -3.48 -9.88 -8.49
N PHE A 112 -2.57 -10.08 -9.44
CA PHE A 112 -2.54 -11.32 -10.22
C PHE A 112 -2.31 -12.52 -9.30
N LEU A 113 -1.39 -12.39 -8.35
CA LEU A 113 -1.12 -13.48 -7.39
C LEU A 113 -2.37 -13.83 -6.59
N ILE A 114 -3.03 -12.80 -6.07
CA ILE A 114 -4.20 -13.01 -5.22
C ILE A 114 -5.34 -13.58 -6.03
N GLN A 115 -5.60 -13.02 -7.21
CA GLN A 115 -6.65 -13.55 -8.06
C GLN A 115 -6.39 -14.98 -8.52
N SER A 116 -5.12 -15.33 -8.71
CA SER A 116 -4.75 -16.69 -9.14
C SER A 116 -4.95 -17.70 -8.02
N ALA A 117 -4.56 -17.31 -6.80
CA ALA A 117 -4.75 -18.15 -5.61
C ALA A 117 -6.23 -18.38 -5.39
N GLY A 118 -7.02 -17.32 -5.57
CA GLY A 118 -8.44 -17.40 -5.30
C GLY A 118 -8.81 -16.85 -3.93
N LEU A 119 -10.06 -16.43 -3.80
CA LEU A 119 -10.52 -15.81 -2.56
C LEU A 119 -11.43 -16.78 -1.79
N GLN A 120 -11.26 -16.80 -0.47
CA GLN A 120 -12.02 -17.71 0.39
C GLN A 120 -12.77 -16.93 1.47
N GLU A 121 -14.10 -17.02 1.47
CA GLU A 121 -14.86 -16.36 2.53
C GLU A 121 -14.76 -17.21 3.78
N GLN A 122 -14.67 -16.54 4.92
CA GLN A 122 -14.54 -17.20 6.22
C GLN A 122 -15.74 -16.91 7.09
N GLU A 123 -16.01 -17.81 8.03
CA GLU A 123 -17.22 -17.74 8.83
C GLU A 123 -17.08 -16.76 10.01
N ALA A 124 -16.77 -15.50 9.71
CA ALA A 124 -16.71 -14.45 10.73
C ALA A 124 -16.99 -13.11 10.08
N ALA A 125 -17.65 -12.21 10.81
CA ALA A 125 -17.94 -10.87 10.29
C ALA A 125 -16.68 -10.08 10.03
N LYS A 126 -16.64 -9.43 8.87
CA LYS A 126 -15.57 -8.51 8.50
C LYS A 126 -15.76 -7.23 9.28
N LYS A 127 -14.69 -6.73 9.91
CA LYS A 127 -14.78 -5.53 10.73
C LYS A 127 -14.22 -4.35 9.94
N PHE A 128 -14.96 -3.25 9.96
CA PHE A 128 -14.54 -2.02 9.28
C PHE A 128 -14.25 -0.94 10.31
N ILE A 129 -13.33 -0.04 10.00
CA ILE A 129 -13.16 1.14 10.86
C ILE A 129 -13.85 2.32 10.20
N ARG A 130 -14.85 2.87 10.87
CA ARG A 130 -15.57 4.02 10.35
C ARG A 130 -15.03 5.30 10.96
N ILE A 131 -14.59 6.23 10.10
CA ILE A 131 -14.14 7.56 10.57
C ILE A 131 -15.32 8.41 11.05
N LYS A 132 -15.28 8.84 12.33
CA LYS A 132 -16.37 9.62 12.91
C LYS A 132 -16.08 11.11 12.94
N ARG A 133 -14.80 11.46 13.06
CA ARG A 133 -14.36 12.84 13.16
C ARG A 133 -13.13 13.01 12.28
N GLU A 134 -13.00 14.18 11.66
CA GLU A 134 -11.86 14.46 10.81
C GLU A 134 -10.60 14.58 11.65
N VAL A 135 -9.53 13.92 11.19
CA VAL A 135 -8.25 13.86 11.89
C VAL A 135 -7.18 14.21 10.86
N SER A 136 -6.24 15.08 11.21
CA SER A 136 -5.22 15.45 10.24
C SER A 136 -3.83 15.52 10.84
N VAL A 137 -2.83 15.31 9.99
CA VAL A 137 -1.44 15.54 10.35
C VAL A 137 -0.76 16.33 9.26
N GLU A 138 0.28 17.06 9.63
CA GLU A 138 1.00 17.84 8.63
C GLU A 138 2.47 17.96 8.96
N GLU A 139 3.23 18.28 7.94
CA GLU A 139 4.64 18.61 8.09
C GLU A 139 4.99 19.57 6.97
N GLY A 140 5.39 20.80 7.30
CA GLY A 140 5.59 21.82 6.29
C GLY A 140 4.30 22.00 5.49
N ASP A 141 4.40 21.93 4.17
CA ASP A 141 3.23 22.13 3.32
C ASP A 141 2.54 20.80 3.00
N LYS A 142 3.06 19.71 3.56
CA LYS A 142 2.48 18.39 3.37
C LYS A 142 1.38 18.09 4.39
N ARG A 143 0.31 17.41 3.98
CA ARG A 143 -0.83 17.22 4.87
C ARG A 143 -1.51 15.91 4.52
N ALA A 144 -1.97 15.15 5.52
CA ALA A 144 -2.72 13.92 5.29
C ALA A 144 -3.90 13.93 6.23
N VAL A 145 -5.08 13.57 5.72
CA VAL A 145 -6.34 13.77 6.47
C VAL A 145 -7.25 12.55 6.33
N PHE A 146 -7.92 12.17 7.43
CA PHE A 146 -9.09 11.30 7.35
C PHE A 146 -10.31 12.15 7.52
N VAL A 147 -11.30 11.96 6.65
CA VAL A 147 -12.55 12.70 6.73
C VAL A 147 -13.72 11.70 6.77
N PRO A 148 -14.77 11.95 7.57
CA PRO A 148 -15.94 11.07 7.50
C PRO A 148 -16.52 11.01 6.08
N PHE A 149 -16.92 9.83 5.67
CA PHE A 149 -17.50 9.61 4.35
C PHE A 149 -18.24 8.30 4.38
N ASP A 150 -19.45 8.29 3.85
CA ASP A 150 -20.28 7.10 3.80
C ASP A 150 -19.89 6.25 2.60
N GLY A 151 -18.77 5.55 2.73
CA GLY A 151 -18.19 4.78 1.64
C GLY A 151 -16.69 4.73 1.84
N PHE A 152 -15.95 4.49 0.76
CA PHE A 152 -14.50 4.57 0.81
C PHE A 152 -14.03 5.37 -0.37
N LYS A 153 -13.28 6.42 -0.07
CA LYS A 153 -12.81 7.35 -1.10
C LYS A 153 -11.39 7.79 -0.79
N VAL A 154 -10.55 7.90 -1.83
CA VAL A 154 -9.19 8.39 -1.63
C VAL A 154 -8.95 9.53 -2.59
N SER A 155 -8.57 10.68 -2.05
CA SER A 155 -8.30 11.87 -2.85
C SER A 155 -6.85 12.24 -2.65
N PHE A 156 -6.22 12.75 -3.70
CA PHE A 156 -4.81 13.09 -3.60
C PHE A 156 -4.45 14.20 -4.54
N GLU A 157 -3.56 15.07 -4.06
CA GLU A 157 -2.98 16.13 -4.88
C GLU A 157 -1.47 16.15 -4.70
N ILE A 158 -0.77 16.21 -5.81
CA ILE A 158 0.67 16.48 -5.81
C ILE A 158 0.84 17.85 -6.45
N ASP A 159 2.02 18.44 -6.29
CA ASP A 159 2.20 19.84 -6.65
C ASP A 159 3.61 20.10 -7.15
N PHE A 160 4.04 19.31 -8.11
CA PHE A 160 5.35 19.48 -8.71
C PHE A 160 5.36 20.65 -9.66
N ASP A 161 6.41 21.46 -9.60
CA ASP A 161 6.54 22.62 -10.51
C ASP A 161 7.48 22.35 -11.67
N HIS A 162 8.10 21.18 -11.72
CA HIS A 162 9.04 20.88 -12.79
C HIS A 162 8.32 20.84 -14.13
N PRO A 163 9.02 21.21 -15.21
CA PRO A 163 8.39 21.28 -16.52
C PRO A 163 7.62 20.01 -16.94
N VAL A 164 8.17 18.85 -16.63
CA VAL A 164 7.56 17.58 -17.01
C VAL A 164 6.14 17.42 -16.45
N PHE A 165 5.87 18.05 -15.31
CA PHE A 165 4.52 18.00 -14.71
C PHE A 165 3.58 19.13 -15.11
N ARG A 166 4.07 20.09 -15.89
CA ARG A 166 3.25 21.23 -16.23
C ARG A 166 2.11 20.77 -17.10
N GLY A 167 0.89 21.14 -16.73
CA GLY A 167 -0.25 20.72 -17.51
C GLY A 167 -0.78 19.35 -17.12
N ARG A 168 -0.05 18.59 -16.30
CA ARG A 168 -0.56 17.30 -15.85
C ARG A 168 -1.58 17.55 -14.75
N THR A 169 -2.53 16.64 -14.61
CA THR A 169 -3.63 16.86 -13.70
C THR A 169 -3.17 16.99 -12.25
N GLN A 170 -2.31 16.07 -11.82
CA GLN A 170 -1.70 16.09 -10.49
C GLN A 170 -2.73 16.01 -9.37
N GLN A 171 -3.92 15.51 -9.67
CA GLN A 171 -4.96 15.39 -8.66
C GLN A 171 -5.88 14.28 -9.10
N ALA A 172 -6.37 13.50 -8.15
CA ALA A 172 -7.42 12.53 -8.47
C ALA A 172 -8.25 12.30 -7.25
N SER A 173 -9.54 12.02 -7.46
CA SER A 173 -10.44 11.71 -6.37
C SER A 173 -11.14 10.42 -6.75
N VAL A 174 -10.83 9.33 -6.07
CA VAL A 174 -11.36 8.02 -6.42
C VAL A 174 -12.39 7.54 -5.39
N ASP A 175 -13.66 7.53 -5.80
CA ASP A 175 -14.75 7.00 -4.99
C ASP A 175 -14.93 5.54 -5.41
N PHE A 176 -14.69 4.61 -4.51
CA PHE A 176 -14.68 3.24 -4.95
C PHE A 176 -16.07 2.63 -5.09
N SER A 177 -17.11 3.45 -4.89
CA SER A 177 -18.48 3.12 -5.32
C SER A 177 -18.49 2.81 -6.81
N SER A 178 -17.68 3.53 -7.57
CA SER A 178 -17.80 3.54 -9.02
C SER A 178 -16.46 3.42 -9.72
N THR A 179 -15.41 3.15 -8.95
CA THR A 179 -14.08 3.00 -9.51
C THR A 179 -13.55 1.63 -9.12
N SER A 180 -12.91 0.97 -10.06
CA SER A 180 -12.29 -0.32 -9.81
C SER A 180 -10.86 -0.12 -9.34
N PHE A 181 -10.53 -0.57 -8.13
CA PHE A 181 -9.14 -0.55 -7.68
C PHE A 181 -8.28 -1.31 -8.69
N VAL A 182 -8.74 -2.48 -9.12
CA VAL A 182 -7.92 -3.29 -10.02
C VAL A 182 -7.65 -2.59 -11.34
N LYS A 183 -8.70 -2.12 -11.99
CA LYS A 183 -8.58 -1.60 -13.35
C LYS A 183 -8.05 -0.16 -13.40
N GLU A 184 -8.29 0.63 -12.36
CA GLU A 184 -7.96 2.05 -12.43
C GLU A 184 -6.90 2.58 -11.45
N VAL A 185 -6.42 1.75 -10.53
CA VAL A 185 -5.38 2.15 -9.57
C VAL A 185 -4.19 1.18 -9.57
N SER A 186 -4.47 -0.12 -9.62
CA SER A 186 -3.45 -1.10 -9.22
C SER A 186 -2.21 -1.15 -10.07
N ARG A 187 -2.31 -0.77 -11.34
CA ARG A 187 -1.16 -0.91 -12.22
C ARG A 187 -0.32 0.39 -12.31
N ALA A 188 -0.62 1.37 -11.46
CA ALA A 188 0.19 2.59 -11.49
C ALA A 188 1.57 2.32 -10.88
N ARG A 189 2.61 2.58 -11.66
CA ARG A 189 3.99 2.29 -11.25
C ARG A 189 4.59 3.37 -10.38
N THR A 190 5.54 2.96 -9.55
CA THR A 190 6.33 3.92 -8.80
C THR A 190 7.17 4.76 -9.76
N PHE A 191 7.68 5.88 -9.25
CA PHE A 191 8.40 6.81 -10.11
C PHE A 191 9.50 7.47 -9.33
N GLY A 192 10.49 7.98 -10.05
CA GLY A 192 11.56 8.74 -9.42
C GLY A 192 12.15 9.70 -10.41
N PHE A 193 12.73 10.78 -9.90
CA PHE A 193 13.48 11.73 -10.70
C PHE A 193 14.91 11.27 -10.87
N MET A 194 15.47 11.47 -12.06
CA MET A 194 16.84 11.03 -12.33
C MET A 194 17.84 11.50 -11.30
N ARG A 195 17.74 12.78 -10.92
N ARG A 195 17.74 12.77 -10.89
CA ARG A 195 18.68 13.35 -9.95
CA ARG A 195 18.73 13.32 -9.98
C ARG A 195 18.63 12.56 -8.66
C ARG A 195 18.63 12.60 -8.63
N ASP A 196 17.43 12.20 -8.25
CA ASP A 196 17.24 11.49 -6.99
C ASP A 196 17.72 10.06 -7.08
N ILE A 197 17.40 9.40 -8.19
CA ILE A 197 17.85 8.02 -8.40
C ILE A 197 19.36 7.97 -8.49
N GLU A 198 19.97 8.94 -9.16
CA GLU A 198 21.42 8.97 -9.23
C GLU A 198 22.03 9.07 -7.84
N TYR A 199 21.41 9.87 -6.99
CA TYR A 199 21.94 10.06 -5.65
C TYR A 199 21.88 8.74 -4.86
N LEU A 200 20.74 8.07 -4.96
CA LEU A 200 20.58 6.76 -4.33
C LEU A 200 21.63 5.80 -4.85
N ARG A 201 21.73 5.68 -6.18
CA ARG A 201 22.65 4.70 -6.76
C ARG A 201 24.11 4.97 -6.40
N SER A 202 24.45 6.24 -6.25
CA SER A 202 25.80 6.63 -5.92
C SER A 202 26.22 6.10 -4.55
N GLN A 203 25.21 5.87 -3.70
CA GLN A 203 25.39 5.36 -2.34
C GLN A 203 25.17 3.86 -2.26
N ASN A 204 25.07 3.23 -3.42
CA ASN A 204 24.78 1.80 -3.54
C ASN A 204 23.41 1.45 -2.99
N LEU A 205 22.46 2.35 -3.18
CA LEU A 205 21.05 2.11 -2.90
C LEU A 205 20.29 1.95 -4.20
N ALA A 206 19.00 1.65 -4.10
CA ALA A 206 18.13 1.44 -5.27
C ALA A 206 18.77 0.44 -6.24
N LEU A 207 19.38 -0.58 -5.69
CA LEU A 207 20.18 -1.47 -6.53
C LEU A 207 19.32 -2.36 -7.43
N GLY A 208 18.04 -2.50 -7.09
CA GLY A 208 17.13 -3.29 -7.92
C GLY A 208 16.39 -2.47 -8.96
N GLY A 209 16.62 -1.16 -8.97
CA GLY A 209 15.90 -0.28 -9.88
C GLY A 209 16.27 -0.50 -11.34
N SER A 210 15.27 -0.33 -12.20
CA SER A 210 15.49 -0.42 -13.63
C SER A 210 14.37 0.33 -14.35
N VAL A 211 14.55 0.62 -15.63
CA VAL A 211 13.46 1.25 -16.36
C VAL A 211 12.29 0.26 -16.52
N GLU A 212 12.55 -1.02 -16.23
CA GLU A 212 11.53 -2.05 -16.25
C GLU A 212 10.66 -2.13 -14.97
N ASN A 213 11.00 -1.39 -13.92
CA ASN A 213 10.15 -1.43 -12.73
C ASN A 213 9.86 -0.07 -12.09
N ALA A 214 10.15 1.00 -12.84
CA ALA A 214 9.91 2.34 -12.35
C ALA A 214 9.74 3.31 -13.51
N ILE A 215 8.88 4.29 -13.34
CA ILE A 215 8.84 5.45 -14.22
C ILE A 215 10.03 6.34 -13.85
N VAL A 216 10.84 6.68 -14.84
CA VAL A 216 11.96 7.60 -14.62
C VAL A 216 11.62 8.91 -15.31
N VAL A 217 11.66 10.02 -14.56
CA VAL A 217 11.42 11.31 -15.16
C VAL A 217 12.62 12.21 -14.89
N ASP A 218 12.88 13.16 -15.78
CA ASP A 218 13.83 14.22 -15.43
C ASP A 218 13.07 15.54 -15.38
N GLU A 219 13.75 16.67 -15.52
CA GLU A 219 13.03 17.93 -15.32
C GLU A 219 11.94 18.08 -16.36
N ASN A 220 12.15 17.47 -17.52
CA ASN A 220 11.34 17.83 -18.69
C ASN A 220 10.53 16.71 -19.32
N ARG A 221 10.94 15.46 -19.13
CA ARG A 221 10.36 14.35 -19.88
C ARG A 221 10.15 13.12 -19.02
N VAL A 222 9.21 12.27 -19.45
CA VAL A 222 9.13 10.90 -18.97
C VAL A 222 10.08 10.10 -19.85
N LEU A 223 11.04 9.43 -19.23
CA LEU A 223 12.11 8.80 -20.01
C LEU A 223 11.79 7.39 -20.51
N ASN A 224 10.84 6.71 -19.88
CA ASN A 224 10.42 5.37 -20.32
C ASN A 224 9.91 5.40 -21.75
N GLU A 225 10.34 4.44 -22.55
CA GLU A 225 10.07 4.45 -23.98
C GLU A 225 8.59 4.55 -24.30
N ASP A 226 7.79 3.81 -23.56
CA ASP A 226 6.36 3.71 -23.84
C ASP A 226 5.51 4.68 -23.02
N GLY A 227 6.15 5.59 -22.27
CA GLY A 227 5.40 6.60 -21.55
C GLY A 227 4.59 6.02 -20.40
N LEU A 228 3.37 6.53 -20.19
CA LEU A 228 2.55 6.15 -19.03
C LEU A 228 1.43 5.13 -19.34
N ARG A 229 1.07 4.35 -18.32
CA ARG A 229 0.00 3.39 -18.37
C ARG A 229 -1.38 4.02 -18.20
N TYR A 230 -1.44 5.01 -17.31
CA TYR A 230 -2.66 5.78 -17.06
C TYR A 230 -2.28 7.23 -17.35
N GLU A 231 -3.23 8.01 -17.87
CA GLU A 231 -2.95 9.42 -18.13
C GLU A 231 -2.44 10.14 -16.87
N ASP A 232 -3.00 9.77 -15.72
CA ASP A 232 -2.64 10.37 -14.44
C ASP A 232 -1.88 9.40 -13.55
N GLU A 233 -0.91 8.70 -14.12
CA GLU A 233 -0.29 7.59 -13.40
C GLU A 233 0.43 8.04 -12.12
N PHE A 234 1.00 9.24 -12.11
CA PHE A 234 1.79 9.66 -10.95
C PHE A 234 0.92 9.77 -9.70
N VAL A 235 -0.17 10.53 -9.82
CA VAL A 235 -1.02 10.71 -8.65
C VAL A 235 -1.74 9.38 -8.33
N LYS A 236 -2.01 8.55 -9.34
CA LYS A 236 -2.60 7.26 -9.03
C LYS A 236 -1.65 6.38 -8.24
N HIS A 237 -0.34 6.50 -8.48
CA HIS A 237 0.55 5.71 -7.65
C HIS A 237 0.58 6.22 -6.20
N LYS A 238 0.47 7.53 -6.01
CA LYS A 238 0.43 8.04 -4.64
C LYS A 238 -0.82 7.51 -3.91
N ILE A 239 -1.94 7.40 -4.63
CA ILE A 239 -3.15 6.80 -4.08
C ILE A 239 -2.94 5.31 -3.74
N LEU A 240 -2.32 4.58 -4.66
CA LEU A 240 -1.94 3.17 -4.40
C LEU A 240 -1.14 3.06 -3.11
N ASP A 241 -0.10 3.88 -2.99
CA ASP A 241 0.71 3.89 -1.78
C ASP A 241 -0.14 4.14 -0.54
N ALA A 242 -1.04 5.11 -0.64
CA ALA A 242 -1.85 5.47 0.54
C ALA A 242 -2.73 4.32 0.97
N ILE A 243 -3.34 3.63 -0.01
CA ILE A 243 -4.22 2.50 0.31
C ILE A 243 -3.43 1.40 1.02
N GLY A 244 -2.22 1.14 0.57
CA GLY A 244 -1.44 0.11 1.27
C GLY A 244 -0.97 0.54 2.65
N ASP A 245 -0.49 1.78 2.75
CA ASP A 245 0.01 2.26 4.04
C ASP A 245 -1.14 2.30 5.02
N LEU A 246 -2.32 2.67 4.54
CA LEU A 246 -3.50 2.79 5.42
C LEU A 246 -3.98 1.43 5.90
N TYR A 247 -3.67 0.38 5.16
CA TYR A 247 -4.17 -0.94 5.53
C TYR A 247 -3.44 -1.49 6.77
N LEU A 248 -2.39 -0.80 7.21
CA LEU A 248 -1.73 -1.15 8.45
C LEU A 248 -2.63 -0.86 9.66
N LEU A 249 -3.75 -0.18 9.42
N LEU A 249 -3.74 -0.17 9.43
CA LEU A 249 -4.79 -0.06 10.45
CA LEU A 249 -4.80 -0.09 10.44
C LEU A 249 -5.32 -1.45 10.81
C LEU A 249 -5.25 -1.48 10.84
N GLY A 250 -5.24 -2.37 9.85
CA GLY A 250 -5.63 -3.75 10.09
C GLY A 250 -7.05 -4.08 9.69
N ASN A 251 -7.77 -3.08 9.21
CA ASN A 251 -9.15 -3.29 8.77
C ASN A 251 -9.44 -2.34 7.62
N SER A 252 -10.43 -2.68 6.82
CA SER A 252 -10.88 -1.76 5.79
C SER A 252 -11.52 -0.54 6.40
N LEU A 253 -11.48 0.55 5.64
CA LEU A 253 -11.99 1.84 6.12
C LEU A 253 -13.33 2.24 5.53
N ILE A 254 -14.17 2.84 6.36
CA ILE A 254 -15.32 3.59 5.89
C ILE A 254 -15.02 5.06 6.19
N GLY A 255 -14.64 5.79 5.15
CA GLY A 255 -14.24 7.18 5.29
C GLY A 255 -13.49 7.61 4.05
N GLU A 256 -12.94 8.82 4.10
CA GLU A 256 -12.17 9.38 3.00
C GLU A 256 -10.77 9.72 3.49
N PHE A 257 -9.77 9.34 2.72
CA PHE A 257 -8.42 9.85 2.89
C PHE A 257 -8.17 10.98 1.91
N ARG A 258 -7.56 12.06 2.38
CA ARG A 258 -7.13 13.15 1.50
C ARG A 258 -5.64 13.39 1.74
N GLY A 259 -4.84 13.25 0.68
CA GLY A 259 -3.41 13.50 0.78
C GLY A 259 -3.01 14.71 -0.04
N PHE A 260 -2.14 15.54 0.56
CA PHE A 260 -1.62 16.72 -0.13
C PHE A 260 -0.09 16.67 -0.03
N LYS A 261 0.55 16.21 -1.11
CA LYS A 261 2.01 16.11 -1.22
C LYS A 261 2.58 15.16 -0.17
N SER A 262 1.73 14.31 0.40
CA SER A 262 2.12 13.48 1.55
C SER A 262 2.74 12.13 1.13
N GLY A 263 3.37 11.45 2.08
CA GLY A 263 4.01 10.18 1.80
C GLY A 263 3.90 9.20 2.96
N HIS A 264 4.78 8.21 2.98
CA HIS A 264 4.67 7.11 3.94
C HIS A 264 4.77 7.59 5.39
N ALA A 265 5.60 8.59 5.63
CA ALA A 265 5.82 9.04 7.00
C ALA A 265 4.54 9.67 7.55
N LEU A 266 3.94 10.59 6.80
CA LEU A 266 2.68 11.16 7.27
C LEU A 266 1.53 10.16 7.30
N ASN A 267 1.53 9.24 6.35
CA ASN A 267 0.52 8.17 6.37
C ASN A 267 0.58 7.41 7.69
N ASN A 268 1.77 7.04 8.13
CA ASN A 268 1.85 6.28 9.38
C ASN A 268 1.57 7.14 10.60
N GLN A 269 2.02 8.39 10.56
CA GLN A 269 1.67 9.32 11.64
C GLN A 269 0.16 9.49 11.75
N LEU A 270 -0.51 9.61 10.60
CA LEU A 270 -1.97 9.71 10.60
C LEU A 270 -2.63 8.49 11.25
N LEU A 271 -2.14 7.30 10.90
CA LEU A 271 -2.72 6.10 11.52
C LEU A 271 -2.55 6.13 13.04
N ARG A 272 -1.34 6.41 13.52
CA ARG A 272 -1.08 6.32 14.96
C ARG A 272 -1.88 7.38 15.69
N THR A 273 -2.08 8.52 15.03
CA THR A 273 -2.85 9.63 15.60
C THR A 273 -4.34 9.29 15.69
N LEU A 274 -4.87 8.69 14.63
CA LEU A 274 -6.24 8.18 14.63
C LEU A 274 -6.47 7.12 15.71
N ILE A 275 -5.62 6.10 15.74
CA ILE A 275 -5.81 4.96 16.64
C ILE A 275 -5.90 5.42 18.10
N ALA A 276 -5.07 6.42 18.42
CA ALA A 276 -4.98 6.90 19.78
C ALA A 276 -6.24 7.62 20.28
N ASP A 277 -7.04 8.15 19.37
CA ASP A 277 -8.25 8.88 19.78
C ASP A 277 -9.52 8.10 19.48
N LYS A 278 -10.04 7.40 20.49
CA LYS A 278 -11.21 6.55 20.29
C LYS A 278 -12.48 7.31 19.95
N ASP A 279 -12.50 8.63 20.14
CA ASP A 279 -13.72 9.37 19.78
C ASP A 279 -13.82 9.64 18.29
N ALA A 280 -12.75 9.31 17.56
CA ALA A 280 -12.66 9.69 16.14
C ALA A 280 -13.03 8.53 15.23
N TRP A 281 -13.29 7.37 15.80
CA TRP A 281 -13.55 6.19 14.97
C TRP A 281 -14.32 5.15 15.75
N GLU A 282 -14.93 4.22 15.02
CA GLU A 282 -15.60 3.09 15.65
C GLU A 282 -15.49 1.88 14.73
N VAL A 283 -15.65 0.71 15.32
CA VAL A 283 -15.63 -0.54 14.54
C VAL A 283 -17.06 -0.91 14.22
N VAL A 284 -17.32 -1.23 12.95
CA VAL A 284 -18.66 -1.60 12.54
C VAL A 284 -18.62 -2.89 11.73
N THR A 285 -19.72 -3.63 11.75
CA THR A 285 -19.91 -4.80 10.91
C THR A 285 -21.22 -4.69 10.18
N PHE A 286 -21.39 -5.46 9.12
CA PHE A 286 -22.65 -5.45 8.38
C PHE A 286 -23.29 -6.81 8.29
N GLU A 287 -24.37 -6.99 9.04
CA GLU A 287 -25.14 -8.22 9.03
C GLU A 287 -25.92 -8.37 7.72
N ASP A 288 -26.25 -7.22 7.12
CA ASP A 288 -26.84 -7.20 5.79
C ASP A 288 -25.94 -6.42 4.84
N ALA A 289 -25.35 -7.12 3.87
CA ALA A 289 -24.43 -6.50 2.92
C ALA A 289 -25.09 -5.35 2.18
N ARG A 290 -26.38 -5.47 1.94
CA ARG A 290 -27.14 -4.46 1.21
C ARG A 290 -27.18 -3.11 1.95
N THR A 291 -26.97 -3.15 3.26
CA THR A 291 -26.97 -1.92 4.06
C THR A 291 -25.59 -1.27 4.12
N ALA A 292 -24.62 -1.85 3.43
CA ALA A 292 -23.24 -1.34 3.50
C ALA A 292 -22.96 -0.30 2.41
N PRO A 293 -22.18 0.73 2.75
CA PRO A 293 -21.79 1.79 1.80
C PRO A 293 -20.60 1.38 0.93
N ILE A 294 -20.13 0.15 1.15
CA ILE A 294 -19.04 -0.39 0.38
C ILE A 294 -19.45 -1.76 -0.18
N SER A 295 -18.62 -2.34 -1.03
CA SER A 295 -18.85 -3.71 -1.49
C SER A 295 -17.56 -4.36 -1.99
N TYR A 296 -17.31 -5.59 -1.54
CA TYR A 296 -16.15 -6.36 -1.98
C TYR A 296 -16.58 -7.57 -2.78
ZN ZN B . 4.89 3.23 -4.08
ZN ZN C . 12.47 21.55 -11.41
C10 5EM D . 10.98 4.76 -6.75
C13 5EM D . 13.83 4.61 -6.32
C15 5EM D . 14.13 3.89 -8.72
C17 5EM D . 15.73 3.22 -10.76
C20 5EM D . 17.27 2.44 -13.95
C21 5EM D . 18.32 2.18 -14.90
C22 5EM D . 19.68 2.19 -14.47
C24 5EM D . 20.05 2.49 -13.06
C26 5EM D . 7.62 7.21 -3.98
C28 5EM D . 7.11 7.29 -5.41
O01 5EM D . 6.57 4.38 -4.53
C02 5EM D . 7.26 4.75 -3.55
N03 5EM D . 7.06 4.14 -2.31
O04 5EM D . 6.09 3.22 -2.27
C05 5EM D . 8.28 5.86 -3.66
N06 5EM D . 9.21 5.48 -4.70
C07 5EM D . 10.61 5.52 -4.40
O08 5EM D . 11.03 6.10 -3.39
C09 5EM D . 11.53 5.08 -5.49
C11 5EM D . 11.86 4.37 -7.86
C12 5EM D . 13.25 4.28 -7.58
C14 5EM D . 12.94 5.00 -5.25
C16 5EM D . 14.83 3.58 -9.65
C18 5EM D . 16.56 3.00 -11.59
C19 5EM D . 17.65 2.72 -12.57
N23 5EM D . 20.71 1.91 -15.40
C25 5EM D . 19.03 2.76 -12.12
N27 5EM D . 8.58 8.26 -3.74
C29 5EM D . 6.46 7.36 -3.03
N NO3 E . 6.71 9.15 0.05
O1 NO3 E . 7.68 9.25 0.84
O2 NO3 E . 6.60 9.92 -0.95
O3 NO3 E . 5.84 8.30 0.28
N NO3 F . 1.10 17.48 13.47
O1 NO3 F . 0.35 17.19 12.51
O2 NO3 F . 2.33 17.17 13.44
O3 NO3 F . 0.62 18.09 14.48
N NO3 G . 5.21 -20.34 -12.47
O1 NO3 G . 6.10 -21.15 -12.08
O2 NO3 G . 4.98 -20.23 -13.71
O3 NO3 G . 4.57 -19.63 -11.63
N NO3 H . 6.92 11.37 -4.69
O1 NO3 H . 8.03 11.20 -5.26
O2 NO3 H . 6.11 12.24 -5.09
O3 NO3 H . 6.60 10.65 -3.72
N NO3 I . 5.63 12.73 4.28
O1 NO3 I . 6.74 13.04 4.78
O2 NO3 I . 4.92 13.60 3.69
O3 NO3 I . 5.21 11.57 4.43
N NO3 J . 4.76 17.13 -4.40
O1 NO3 J . 5.84 16.92 -3.79
O2 NO3 J . 4.58 18.17 -5.07
O3 NO3 J . 3.84 16.26 -4.33
N NO3 K . 5.11 -0.36 -19.04
O1 NO3 K . 4.04 0.28 -18.94
O2 NO3 K . 5.33 -1.33 -18.28
O3 NO3 K . 5.98 0.00 -19.89
N NO3 L . 23.58 5.22 -11.35
O1 NO3 L . 22.85 6.26 -11.43
O2 NO3 L . 24.75 5.34 -10.89
O3 NO3 L . 23.17 4.07 -11.70
N NO3 M . -17.19 1.00 -2.45
O1 NO3 M . -18.40 1.33 -2.66
O2 NO3 M . -16.36 1.89 -2.14
O3 NO3 M . -16.84 -0.22 -2.55
N NO3 N . -0.60 13.03 -12.64
O1 NO3 N . -0.52 13.17 -11.40
O2 NO3 N . -1.06 13.98 -13.33
O3 NO3 N . -0.20 11.98 -13.21
N NO3 O . 13.12 10.43 -23.44
O1 NO3 O . 14.34 10.26 -23.23
O2 NO3 O . 12.68 11.60 -23.65
O3 NO3 O . 12.34 9.43 -23.45
N NO3 P . 13.55 5.49 -24.94
O1 NO3 P . 14.12 5.18 -23.86
O2 NO3 P . 13.11 6.67 -25.10
O3 NO3 P . 13.43 4.63 -25.86
N NO3 Q . -15.84 16.55 11.69
O1 NO3 Q . -15.25 16.30 12.79
O2 NO3 Q . -15.53 15.89 10.67
O3 NO3 Q . -16.73 17.45 11.65
N NO3 R . 16.78 -18.93 -0.84
O1 NO3 R . 18.00 -18.76 -1.09
O2 NO3 R . 16.26 -20.04 -1.01
O3 NO3 R . 16.07 -17.97 -0.44
N NO3 S . -9.16 18.87 4.26
O1 NO3 S . -8.11 18.86 3.56
O2 NO3 S . -10.29 18.73 3.70
O3 NO3 S . -9.09 19.05 5.51
N NO3 T . -6.16 8.42 -14.99
O1 NO3 T . -5.25 8.01 -14.23
O2 NO3 T . -5.87 9.10 -16.01
O3 NO3 T . -7.38 8.18 -14.75
N NO3 U . 17.24 2.40 -0.96
O1 NO3 U . 17.12 2.37 0.30
O2 NO3 U . 16.64 3.27 -1.66
O3 NO3 U . 17.95 1.54 -1.54
N NO3 V . 13.72 4.10 4.90
O1 NO3 V . 14.01 2.98 5.44
O2 NO3 V . 14.62 4.92 4.58
O3 NO3 V . 12.51 4.38 4.68
N NO3 W . 2.80 9.34 15.67
O1 NO3 W . 3.65 9.39 14.73
O2 NO3 W . 1.76 10.04 15.61
O3 NO3 W . 2.98 8.58 16.66
N NO3 X . -26.15 -4.20 10.00
O1 NO3 X . -26.24 -4.59 8.79
O2 NO3 X . -26.91 -3.27 10.41
O3 NO3 X . -25.32 -4.74 10.79
N NO3 Y . -19.21 11.68 16.93
O1 NO3 Y . -18.11 12.06 16.48
O2 NO3 Y . -20.06 11.16 16.15
O3 NO3 Y . -19.47 11.81 18.17
N NO3 Z . -22.33 -9.43 12.08
O1 NO3 Z . -22.68 -10.64 12.13
O2 NO3 Z . -21.65 -8.91 13.02
O3 NO3 Z . -22.67 -8.73 11.08
N NO3 AA . -22.02 -2.15 13.94
O1 NO3 AA . -22.46 -2.85 12.99
O2 NO3 AA . -22.41 -0.96 14.07
O3 NO3 AA . -21.19 -2.65 14.74
N NO3 BA . 17.31 -7.47 8.87
O1 NO3 BA . 17.68 -6.44 8.25
O2 NO3 BA . 16.12 -7.85 8.77
O3 NO3 BA . 18.12 -8.13 9.58
N NO3 CA . -2.13 -0.84 15.04
O1 NO3 CA . -2.52 -1.13 13.85
O2 NO3 CA . -2.97 -0.78 15.98
O3 NO3 CA . -0.93 -0.60 15.31
N NO3 DA . 12.79 7.57 8.73
O1 NO3 DA . 11.59 7.41 9.11
O2 NO3 DA . 13.58 8.30 9.40
O3 NO3 DA . 13.19 7.02 7.66
N NO3 EA . 3.92 11.02 -20.94
O1 NO3 EA . 4.76 11.96 -20.97
O2 NO3 EA . 2.70 11.26 -20.64
O3 NO3 EA . 4.29 9.84 -21.21
N NO3 FA . 19.40 -15.81 11.65
O1 NO3 FA . 19.48 -16.72 10.78
O2 NO3 FA . 18.49 -15.85 12.51
O3 NO3 FA . 20.24 -14.87 11.66
N NO3 GA . 8.83 21.08 -7.31
O1 NO3 GA . 7.76 20.73 -6.76
O2 NO3 GA . 8.83 21.35 -8.54
O3 NO3 GA . 9.91 21.17 -6.65
#